data_4J9H
#
_entry.id   4J9H
#
_cell.length_a   86.553
_cell.length_b   86.553
_cell.length_c   45.261
_cell.angle_alpha   90.000
_cell.angle_beta   90.000
_cell.angle_gamma   120.000
#
_symmetry.space_group_name_H-M   'P 32'
#
loop_
_entity.id
_entity.type
_entity.pdbx_description
1 polymer 'Tyrosine-protein kinase ABL1'
2 polymer P7
3 non-polymer 'SULFATE ION'
4 water water
#
loop_
_entity_poly.entity_id
_entity_poly.type
_entity_poly.pdbx_seq_one_letter_code
_entity_poly.pdbx_strand_id
1 'polypeptide(L)' MENDPNLFVALYDFVASGDNTLSITKGEKLRVLGYNHNGEWCEAQTKNGQGWVPSNYITPVNS A,B,C,D,E,F
2 'polypeptide(L)' (ACE)APTYPPPPPP G,H,I,J,K,L
#
loop_
_chem_comp.id
_chem_comp.type
_chem_comp.name
_chem_comp.formula
ACE non-polymer 'ACETYL GROUP' 'C2 H4 O'
SO4 non-polymer 'SULFATE ION' 'O4 S -2'
#
# COMPACT_ATOMS: atom_id res chain seq x y z
N ASP A 4 -30.74 4.87 -3.40
CA ASP A 4 -30.59 5.20 -4.82
C ASP A 4 -31.77 6.02 -5.32
N PRO A 5 -31.90 6.10 -6.64
CA PRO A 5 -30.97 5.44 -7.55
C PRO A 5 -29.68 6.20 -7.76
N ASN A 6 -29.52 7.38 -7.14
CA ASN A 6 -28.26 8.15 -7.26
C ASN A 6 -27.31 8.18 -6.06
N LEU A 7 -27.29 7.12 -5.26
CA LEU A 7 -26.50 7.12 -4.04
C LEU A 7 -25.11 6.54 -4.25
N PHE A 8 -24.10 7.28 -3.82
CA PHE A 8 -22.70 6.87 -4.01
C PHE A 8 -21.99 6.85 -2.67
N VAL A 9 -20.80 6.25 -2.65
CA VAL A 9 -19.94 6.29 -1.49
C VAL A 9 -18.55 6.72 -1.92
N ALA A 10 -17.86 7.47 -1.07
CA ALA A 10 -16.52 7.96 -1.38
C ALA A 10 -15.48 6.85 -1.24
N LEU A 11 -14.64 6.70 -2.25
CA LEU A 11 -13.59 5.68 -2.24
C LEU A 11 -12.36 6.19 -1.50
N TYR A 12 -12.12 7.49 -1.60
CA TYR A 12 -10.94 8.11 -1.00
C TYR A 12 -11.28 9.49 -0.46
N ASP A 13 -10.45 9.98 0.45
CA ASP A 13 -10.50 11.36 0.89
C ASP A 13 -10.24 12.30 -0.28
N PHE A 14 -10.93 13.43 -0.30
CA PHE A 14 -10.68 14.48 -1.28
C PHE A 14 -10.83 15.83 -0.59
N VAL A 15 -9.75 16.60 -0.57
CA VAL A 15 -9.74 17.92 0.03
C VAL A 15 -10.09 18.99 -0.99
N ALA A 16 -11.12 19.77 -0.71
CA ALA A 16 -11.59 20.80 -1.63
C ALA A 16 -10.46 21.73 -2.02
N SER A 17 -10.43 22.13 -3.30
CA SER A 17 -9.43 23.04 -3.80
C SER A 17 -10.10 24.34 -4.22
N GLY A 18 -11.17 24.71 -3.52
CA GLY A 18 -11.91 25.89 -3.89
C GLY A 18 -12.65 25.65 -5.20
N ASP A 19 -13.14 26.72 -5.82
CA ASP A 19 -13.84 26.61 -7.09
C ASP A 19 -15.01 25.65 -6.99
N ASN A 20 -15.82 25.83 -5.96
CA ASN A 20 -17.07 25.08 -5.81
C ASN A 20 -16.88 23.58 -5.59
N THR A 21 -15.69 23.18 -5.17
CA THR A 21 -15.43 21.77 -4.89
C THR A 21 -15.84 21.46 -3.47
N LEU A 22 -16.03 20.18 -3.16
CA LEU A 22 -16.53 19.75 -1.86
C LEU A 22 -15.60 18.71 -1.25
N SER A 23 -15.17 18.96 -0.02
CA SER A 23 -14.35 17.98 0.70
C SER A 23 -15.19 16.76 1.07
N ILE A 24 -14.64 15.58 0.83
CA ILE A 24 -15.30 14.34 1.21
C ILE A 24 -14.31 13.38 1.83
N THR A 25 -14.82 12.46 2.66
CA THR A 25 -13.99 11.50 3.37
C THR A 25 -14.35 10.10 2.93
N LYS A 26 -13.33 9.27 2.76
CA LYS A 26 -13.54 7.87 2.41
C LYS A 26 -14.64 7.24 3.27
N GLY A 27 -15.58 6.58 2.59
CA GLY A 27 -16.69 5.92 3.26
C GLY A 27 -17.94 6.78 3.39
N GLU A 28 -17.80 8.07 3.11
CA GLU A 28 -18.92 9.00 3.23
C GLU A 28 -19.94 8.80 2.11
N LYS A 29 -21.22 8.96 2.43
CA LYS A 29 -22.28 8.79 1.44
C LYS A 29 -22.58 10.11 0.72
N LEU A 30 -22.88 10.00 -0.57
CA LEU A 30 -23.22 11.17 -1.38
C LEU A 30 -24.44 10.89 -2.23
N ARG A 31 -25.17 11.95 -2.57
CA ARG A 31 -26.15 11.89 -3.63
C ARG A 31 -25.65 12.69 -4.81
N VAL A 32 -25.58 12.05 -5.96
CA VAL A 32 -24.99 12.65 -7.14
C VAL A 32 -26.05 13.38 -7.96
N LEU A 33 -25.78 14.64 -8.24
CA LEU A 33 -26.68 15.45 -9.05
C LEU A 33 -26.35 15.26 -10.52
N GLY A 34 -25.05 15.13 -10.82
CA GLY A 34 -24.62 14.94 -12.19
C GLY A 34 -23.12 15.06 -12.38
N TYR A 35 -22.72 15.19 -13.64
CA TYR A 35 -21.31 15.28 -14.02
C TYR A 35 -21.12 16.46 -14.94
N ASN A 36 -19.88 16.94 -15.06
CA ASN A 36 -19.56 18.04 -15.96
C ASN A 36 -19.40 17.54 -17.39
N HIS A 37 -18.99 18.43 -18.28
CA HIS A 37 -19.03 18.17 -19.72
C HIS A 37 -18.15 17.00 -20.16
N ASN A 38 -17.03 16.79 -19.47
CA ASN A 38 -16.11 15.72 -19.86
C ASN A 38 -16.11 14.55 -18.87
N GLY A 39 -16.99 14.61 -17.88
CA GLY A 39 -17.18 13.51 -16.96
C GLY A 39 -16.13 13.40 -15.87
N GLU A 40 -15.17 14.31 -15.87
CA GLU A 40 -14.07 14.25 -14.90
C GLU A 40 -14.51 14.71 -13.50
N TRP A 41 -15.49 15.61 -13.46
CA TRP A 41 -15.98 16.14 -12.19
C TRP A 41 -17.42 15.72 -11.95
N CYS A 42 -17.78 15.54 -10.68
CA CYS A 42 -19.11 15.11 -10.30
C CYS A 42 -19.66 16.06 -9.25
N GLU A 43 -20.86 16.59 -9.48
CA GLU A 43 -21.52 17.45 -8.51
C GLU A 43 -22.37 16.61 -7.57
N ALA A 44 -22.08 16.70 -6.28
CA ALA A 44 -22.71 15.81 -5.29
C ALA A 44 -23.15 16.57 -4.05
N GLN A 45 -24.06 15.95 -3.30
CA GLN A 45 -24.54 16.48 -2.03
C GLN A 45 -24.19 15.52 -0.90
N THR A 46 -23.65 16.05 0.18
CA THR A 46 -23.41 15.26 1.39
C THR A 46 -24.00 16.01 2.58
N LYS A 47 -23.83 15.45 3.77
CA LYS A 47 -24.29 16.11 4.99
C LYS A 47 -23.53 17.41 5.24
N ASN A 48 -22.38 17.56 4.59
CA ASN A 48 -21.53 18.73 4.80
C ASN A 48 -21.73 19.83 3.77
N GLY A 49 -22.55 19.58 2.76
CA GLY A 49 -22.86 20.58 1.76
C GLY A 49 -22.94 20.04 0.34
N GLN A 50 -22.63 20.91 -0.63
CA GLN A 50 -22.77 20.56 -2.04
C GLN A 50 -21.60 21.12 -2.84
N GLY A 51 -21.08 20.33 -3.77
CA GLY A 51 -19.98 20.78 -4.59
C GLY A 51 -19.43 19.69 -5.49
N TRP A 52 -18.35 20.01 -6.19
CA TRP A 52 -17.76 19.11 -7.17
C TRP A 52 -16.67 18.24 -6.57
N VAL A 53 -16.71 16.95 -6.90
CA VAL A 53 -15.70 16.00 -6.45
C VAL A 53 -15.23 15.19 -7.65
N PRO A 54 -14.04 14.57 -7.56
CA PRO A 54 -13.56 13.76 -8.68
C PRO A 54 -14.48 12.58 -8.96
N SER A 55 -14.87 12.39 -10.22
CA SER A 55 -15.82 11.33 -10.57
C SER A 55 -15.34 9.95 -10.17
N ASN A 56 -14.04 9.68 -10.31
CA ASN A 56 -13.51 8.36 -9.99
C ASN A 56 -13.04 8.25 -8.53
N TYR A 57 -13.45 9.21 -7.70
CA TYR A 57 -13.24 9.12 -6.27
C TYR A 57 -14.48 8.58 -5.56
N ILE A 58 -15.52 8.26 -6.33
CA ILE A 58 -16.75 7.72 -5.75
C ILE A 58 -17.27 6.57 -6.60
N THR A 59 -18.21 5.81 -6.04
CA THR A 59 -18.80 4.68 -6.74
C THR A 59 -20.23 4.45 -6.23
N PRO A 60 -21.12 3.94 -7.10
CA PRO A 60 -22.49 3.75 -6.62
C PRO A 60 -22.58 2.68 -5.52
N VAL A 61 -23.41 2.94 -4.52
CA VAL A 61 -23.68 1.97 -3.45
C VAL A 61 -25.18 1.65 -3.40
N ASN A 62 -25.52 0.55 -2.74
CA ASN A 62 -26.92 0.15 -2.53
C ASN A 62 -27.56 -0.34 -3.82
N ASN B 6 14.33 17.58 4.53
CA ASN B 6 13.57 18.71 5.05
C ASN B 6 12.20 18.86 4.41
N LEU B 7 12.16 18.68 3.08
CA LEU B 7 10.99 19.00 2.29
C LEU B 7 10.34 17.72 1.76
N PHE B 8 9.03 17.62 1.95
CA PHE B 8 8.28 16.44 1.56
C PHE B 8 7.17 16.84 0.61
N VAL B 9 6.55 15.85 -0.03
CA VAL B 9 5.38 16.07 -0.86
C VAL B 9 4.28 15.13 -0.44
N ALA B 10 3.03 15.60 -0.52
CA ALA B 10 1.88 14.77 -0.15
C ALA B 10 1.57 13.78 -1.26
N LEU B 11 1.42 12.51 -0.89
CA LEU B 11 1.12 11.46 -1.85
C LEU B 11 -0.37 11.33 -2.13
N TYR B 12 -1.19 11.62 -1.12
CA TYR B 12 -2.63 11.48 -1.24
C TYR B 12 -3.34 12.61 -0.49
N ASP B 13 -4.57 12.90 -0.88
CA ASP B 13 -5.41 13.80 -0.10
C ASP B 13 -5.70 13.18 1.26
N PHE B 14 -5.74 14.01 2.28
CA PHE B 14 -6.13 13.57 3.63
C PHE B 14 -6.97 14.67 4.27
N VAL B 15 -8.21 14.33 4.61
CA VAL B 15 -9.10 15.28 5.25
C VAL B 15 -8.95 15.18 6.76
N ALA B 16 -8.62 16.30 7.40
CA ALA B 16 -8.38 16.32 8.83
C ALA B 16 -9.56 15.72 9.58
N SER B 17 -9.24 14.95 10.62
CA SER B 17 -10.24 14.29 11.44
C SER B 17 -10.25 14.84 12.86
N GLY B 18 -9.99 16.14 12.97
CA GLY B 18 -9.91 16.81 14.26
C GLY B 18 -8.70 16.41 15.06
N ASP B 19 -8.67 16.80 16.34
CA ASP B 19 -7.59 16.40 17.24
C ASP B 19 -6.20 16.74 16.70
N ASN B 20 -5.98 18.00 16.35
CA ASN B 20 -4.66 18.47 15.93
C ASN B 20 -4.18 17.93 14.59
N THR B 21 -5.08 17.40 13.77
CA THR B 21 -4.70 16.91 12.44
C THR B 21 -4.77 18.02 11.40
N LEU B 22 -4.08 17.83 10.29
CA LEU B 22 -3.98 18.84 9.24
C LEU B 22 -4.38 18.26 7.90
N SER B 23 -5.31 18.92 7.22
CA SER B 23 -5.71 18.49 5.88
C SER B 23 -4.60 18.79 4.88
N ILE B 24 -4.33 17.83 4.00
CA ILE B 24 -3.32 18.02 2.97
C ILE B 24 -3.82 17.52 1.62
N THR B 25 -3.23 18.05 0.56
CA THR B 25 -3.64 17.74 -0.81
C THR B 25 -2.52 17.08 -1.59
N LYS B 26 -2.85 16.06 -2.35
CA LYS B 26 -1.89 15.38 -3.22
C LYS B 26 -1.06 16.41 -4.00
N GLY B 27 0.26 16.26 -3.93
CA GLY B 27 1.15 17.15 -4.66
C GLY B 27 1.61 18.34 -3.84
N GLU B 28 0.96 18.55 -2.70
CA GLU B 28 1.29 19.67 -1.82
C GLU B 28 2.64 19.46 -1.15
N LYS B 29 3.40 20.53 -0.97
CA LYS B 29 4.71 20.45 -0.33
C LYS B 29 4.56 20.63 1.18
N LEU B 30 5.36 19.88 1.94
CA LEU B 30 5.32 19.98 3.40
C LEU B 30 6.73 20.02 3.98
N ARG B 31 6.87 20.62 5.14
CA ARG B 31 8.08 20.47 5.94
C ARG B 31 7.76 19.66 7.21
N VAL B 32 8.53 18.61 7.44
CA VAL B 32 8.29 17.71 8.57
C VAL B 32 9.06 18.13 9.81
N LEU B 33 8.35 18.31 10.92
CA LEU B 33 8.94 18.69 12.19
C LEU B 33 9.33 17.49 13.04
N GLY B 34 8.53 16.42 12.96
CA GLY B 34 8.79 15.23 13.74
C GLY B 34 7.68 14.20 13.66
N TYR B 35 7.73 13.22 14.55
CA TYR B 35 6.79 12.09 14.53
C TYR B 35 6.25 11.77 15.92
N ASN B 36 5.16 11.01 15.97
CA ASN B 36 4.61 10.56 17.24
C ASN B 36 5.39 9.34 17.77
N HIS B 37 4.93 8.76 18.87
CA HIS B 37 5.72 7.77 19.58
C HIS B 37 5.98 6.50 18.76
N ASN B 38 5.04 6.14 17.89
CA ASN B 38 5.18 4.92 17.10
C ASN B 38 5.44 5.19 15.61
N GLY B 39 5.61 6.45 15.26
CA GLY B 39 5.97 6.82 13.90
C GLY B 39 4.83 6.83 12.90
N GLU B 40 3.62 6.51 13.36
CA GLU B 40 2.47 6.44 12.47
C GLU B 40 1.98 7.83 12.07
N TRP B 41 2.18 8.81 12.94
CA TRP B 41 1.75 10.17 12.68
C TRP B 41 2.96 11.10 12.53
N CYS B 42 2.81 12.11 11.69
CA CYS B 42 3.89 13.04 11.38
C CYS B 42 3.40 14.47 11.57
N GLU B 43 4.16 15.27 12.31
CA GLU B 43 3.81 16.67 12.50
C GLU B 43 4.46 17.49 11.38
N ALA B 44 3.64 18.17 10.61
CA ALA B 44 4.11 18.82 9.39
C ALA B 44 3.60 20.25 9.27
N GLN B 45 4.28 21.03 8.43
CA GLN B 45 3.88 22.40 8.14
C GLN B 45 3.57 22.57 6.66
N THR B 46 2.43 23.19 6.36
CA THR B 46 2.08 23.56 5.00
C THR B 46 1.65 25.02 4.99
N LYS B 47 1.21 25.50 3.83
CA LYS B 47 0.72 26.86 3.71
C LYS B 47 -0.53 27.09 4.54
N ASN B 48 -1.20 25.99 4.91
CA ASN B 48 -2.47 26.07 5.64
C ASN B 48 -2.32 25.98 7.15
N GLY B 49 -1.10 25.72 7.61
CA GLY B 49 -0.84 25.66 9.03
C GLY B 49 0.08 24.52 9.43
N GLN B 50 -0.13 24.02 10.63
CA GLN B 50 0.72 22.98 11.20
C GLN B 50 -0.15 21.97 11.94
N GLY B 51 0.16 20.70 11.77
CA GLY B 51 -0.61 19.65 12.43
C GLY B 51 -0.16 18.27 12.02
N TRP B 52 -0.89 17.26 12.49
CA TRP B 52 -0.50 15.87 12.28
C TRP B 52 -1.13 15.26 11.03
N VAL B 53 -0.31 14.55 10.27
CA VAL B 53 -0.76 13.84 9.08
C VAL B 53 -0.20 12.43 9.12
N PRO B 54 -0.81 11.50 8.36
CA PRO B 54 -0.24 10.15 8.34
C PRO B 54 1.16 10.13 7.75
N SER B 55 2.10 9.49 8.43
CA SER B 55 3.49 9.49 8.01
C SER B 55 3.67 8.91 6.60
N ASN B 56 2.90 7.90 6.27
CA ASN B 56 3.05 7.26 4.95
C ASN B 56 2.15 7.89 3.89
N TYR B 57 1.63 9.09 4.18
CA TYR B 57 0.91 9.88 3.19
C TYR B 57 1.83 10.92 2.56
N ILE B 58 3.10 10.92 2.99
CA ILE B 58 4.07 11.86 2.44
C ILE B 58 5.39 11.18 2.14
N THR B 59 6.22 11.84 1.35
CA THR B 59 7.54 11.31 1.03
C THR B 59 8.50 12.46 0.73
N PRO B 60 9.79 12.27 1.05
CA PRO B 60 10.76 13.34 0.81
C PRO B 60 10.96 13.67 -0.67
N VAL B 61 11.29 14.93 -0.91
CA VAL B 61 11.60 15.41 -2.25
C VAL B 61 13.09 15.23 -2.57
N ASN C 6 27.49 -14.25 9.32
CA ASN C 6 26.76 -15.43 8.90
C ASN C 6 25.65 -15.08 7.90
N LEU C 7 24.47 -15.66 8.04
CA LEU C 7 23.46 -15.54 6.99
C LEU C 7 22.27 -14.64 7.29
N PHE C 8 22.04 -13.72 6.36
CA PHE C 8 20.97 -12.73 6.45
C PHE C 8 20.09 -12.79 5.21
N VAL C 9 18.93 -12.15 5.28
CA VAL C 9 18.06 -11.99 4.12
C VAL C 9 17.67 -10.51 4.00
N ALA C 10 17.53 -10.04 2.76
CA ALA C 10 17.15 -8.64 2.54
C ALA C 10 15.66 -8.48 2.82
N LEU C 11 15.32 -7.46 3.61
CA LEU C 11 13.94 -7.18 3.96
C LEU C 11 13.26 -6.30 2.92
N TYR C 12 14.04 -5.39 2.33
CA TYR C 12 13.51 -4.47 1.34
C TYR C 12 14.56 -4.23 0.28
N ASP C 13 14.13 -3.80 -0.90
CA ASP C 13 15.06 -3.33 -1.92
C ASP C 13 15.78 -2.09 -1.43
N PHE C 14 17.05 -1.97 -1.78
CA PHE C 14 17.83 -0.78 -1.50
C PHE C 14 18.73 -0.47 -2.67
N VAL C 15 18.52 0.68 -3.29
CA VAL C 15 19.33 1.10 -4.42
C VAL C 15 20.54 1.87 -3.90
N ALA C 16 21.74 1.41 -4.27
CA ALA C 16 22.98 2.01 -3.78
C ALA C 16 23.00 3.52 -4.04
N SER C 17 23.51 4.27 -3.07
CA SER C 17 23.58 5.73 -3.16
C SER C 17 25.03 6.21 -3.18
N GLY C 18 25.89 5.43 -3.80
CA GLY C 18 27.31 5.72 -3.83
C GLY C 18 28.01 5.54 -2.50
N ASP C 19 29.25 6.00 -2.40
CA ASP C 19 30.01 5.93 -1.16
C ASP C 19 30.07 4.51 -0.59
N ASN C 20 30.51 3.57 -1.42
CA ASN C 20 30.74 2.19 -0.99
C ASN C 20 29.49 1.39 -0.62
N THR C 21 28.32 1.83 -1.09
CA THR C 21 27.09 1.10 -0.81
C THR C 21 26.81 0.01 -1.84
N LEU C 22 25.97 -0.95 -1.46
CA LEU C 22 25.67 -2.11 -2.29
C LEU C 22 24.17 -2.24 -2.47
N SER C 23 23.71 -2.33 -3.72
CA SER C 23 22.29 -2.54 -4.00
C SER C 23 21.89 -3.96 -3.63
N ILE C 24 20.74 -4.09 -2.97
CA ILE C 24 20.22 -5.40 -2.61
C ILE C 24 18.73 -5.51 -2.91
N THR C 25 18.27 -6.74 -3.10
CA THR C 25 16.88 -7.00 -3.47
C THR C 25 16.18 -7.82 -2.40
N LYS C 26 14.93 -7.46 -2.10
CA LYS C 26 14.12 -8.20 -1.15
C LYS C 26 14.24 -9.70 -1.40
N GLY C 27 14.54 -10.45 -0.34
CA GLY C 27 14.64 -11.89 -0.44
C GLY C 27 16.04 -12.38 -0.73
N GLU C 28 16.93 -11.47 -1.09
CA GLU C 28 18.31 -11.84 -1.42
C GLU C 28 19.05 -12.25 -0.16
N LYS C 29 19.91 -13.26 -0.28
CA LYS C 29 20.68 -13.76 0.86
C LYS C 29 22.00 -13.00 0.94
N LEU C 30 22.46 -12.72 2.15
CA LEU C 30 23.69 -11.96 2.33
C LEU C 30 24.45 -12.35 3.59
N ARG C 31 25.77 -12.48 3.45
CA ARG C 31 26.64 -12.77 4.58
C ARG C 31 27.18 -11.45 5.15
N VAL C 32 26.99 -11.25 6.45
CA VAL C 32 27.37 -9.99 7.08
C VAL C 32 28.77 -10.07 7.66
N LEU C 33 29.63 -9.13 7.28
CA LEU C 33 31.00 -9.07 7.79
C LEU C 33 31.10 -8.21 9.05
N GLY C 34 30.30 -7.16 9.14
CA GLY C 34 30.33 -6.29 10.29
C GLY C 34 29.48 -5.04 10.18
N TYR C 35 29.71 -4.10 11.08
CA TYR C 35 28.88 -2.90 11.16
C TYR C 35 29.75 -1.65 11.29
N ASN C 36 29.18 -0.48 11.01
CA ASN C 36 29.88 0.78 11.21
C ASN C 36 29.83 1.18 12.68
N HIS C 37 30.34 2.36 13.00
CA HIS C 37 30.56 2.72 14.41
C HIS C 37 29.27 2.81 15.23
N ASN C 38 28.17 3.19 14.60
CA ASN C 38 26.90 3.34 15.31
C ASN C 38 25.88 2.25 14.97
N GLY C 39 26.29 1.27 14.18
CA GLY C 39 25.45 0.12 13.88
C GLY C 39 24.38 0.37 12.84
N GLU C 40 24.33 1.58 12.29
CA GLU C 40 23.30 1.92 11.31
C GLU C 40 23.59 1.31 9.94
N TRP C 41 24.86 1.10 9.64
CA TRP C 41 25.27 0.52 8.37
C TRP C 41 25.88 -0.86 8.56
N CYS C 42 25.68 -1.73 7.58
CA CYS C 42 26.17 -3.10 7.65
CA CYS C 42 26.17 -3.10 7.63
C CYS C 42 27.02 -3.43 6.41
N GLU C 43 28.20 -3.99 6.63
CA GLU C 43 29.03 -4.43 5.51
C GLU C 43 28.68 -5.89 5.21
N ALA C 44 28.22 -6.14 3.99
CA ALA C 44 27.66 -7.44 3.65
C ALA C 44 28.18 -7.91 2.29
N GLN C 45 28.10 -9.22 2.04
CA GLN C 45 28.48 -9.78 0.75
C GLN C 45 27.28 -10.46 0.11
N THR C 46 27.06 -10.21 -1.17
CA THR C 46 26.05 -10.92 -1.95
C THR C 46 26.70 -11.42 -3.23
N LYS C 47 25.90 -12.01 -4.11
CA LYS C 47 26.40 -12.48 -5.40
C LYS C 47 26.92 -11.32 -6.25
N ASN C 48 26.50 -10.11 -5.92
CA ASN C 48 26.85 -8.93 -6.70
C ASN C 48 28.08 -8.19 -6.19
N GLY C 49 28.61 -8.63 -5.04
CA GLY C 49 29.80 -8.03 -4.51
C GLY C 49 29.75 -7.83 -3.02
N GLN C 50 30.43 -6.79 -2.56
CA GLN C 50 30.53 -6.50 -1.13
C GLN C 50 30.42 -5.00 -0.93
N GLY C 51 29.68 -4.60 0.10
CA GLY C 51 29.50 -3.19 0.37
C GLY C 51 28.54 -2.93 1.51
N TRP C 52 28.24 -1.66 1.74
CA TRP C 52 27.44 -1.25 2.88
C TRP C 52 25.95 -1.15 2.53
N VAL C 53 25.12 -1.69 3.42
CA VAL C 53 23.67 -1.61 3.29
C VAL C 53 23.10 -1.18 4.63
N PRO C 54 21.86 -0.63 4.63
CA PRO C 54 21.27 -0.25 5.91
C PRO C 54 21.07 -1.46 6.82
N SER C 55 21.49 -1.34 8.07
CA SER C 55 21.43 -2.46 9.01
C SER C 55 20.02 -3.00 9.17
N ASN C 56 19.03 -2.10 9.20
CA ASN C 56 17.65 -2.51 9.41
C ASN C 56 16.89 -2.80 8.10
N TYR C 57 17.63 -2.94 7.00
CA TYR C 57 17.06 -3.41 5.75
C TYR C 57 17.32 -4.90 5.57
N ILE C 58 18.01 -5.51 6.53
CA ILE C 58 18.30 -6.93 6.48
C ILE C 58 18.11 -7.56 7.85
N THR C 59 18.02 -8.88 7.90
CA THR C 59 17.91 -9.58 9.17
C THR C 59 18.46 -11.01 9.05
N PRO C 60 19.03 -11.54 10.14
CA PRO C 60 19.54 -12.91 10.15
C PRO C 60 18.38 -13.91 10.03
N VAL C 61 18.57 -15.05 9.39
CA VAL C 61 17.54 -16.09 9.41
C VAL C 61 18.02 -17.30 10.21
N ASN D 6 1.73 13.21 -17.64
CA ASN D 6 1.47 12.65 -16.32
C ASN D 6 2.74 12.63 -15.47
N LEU D 7 2.59 12.28 -14.19
CA LEU D 7 3.70 12.33 -13.26
C LEU D 7 3.40 11.43 -12.07
N PHE D 8 4.34 10.54 -11.77
CA PHE D 8 4.21 9.60 -10.65
C PHE D 8 5.40 9.81 -9.74
N VAL D 9 5.31 9.28 -8.53
CA VAL D 9 6.46 9.28 -7.61
C VAL D 9 6.65 7.87 -7.07
N ALA D 10 7.90 7.48 -6.85
CA ALA D 10 8.22 6.17 -6.32
C ALA D 10 7.95 6.13 -4.82
N LEU D 11 7.26 5.09 -4.38
CA LEU D 11 6.94 4.91 -2.97
C LEU D 11 8.09 4.22 -2.25
N TYR D 12 8.79 3.34 -2.96
CA TYR D 12 9.89 2.57 -2.38
C TYR D 12 11.01 2.38 -3.39
N ASP D 13 12.21 2.06 -2.88
CA ASP D 13 13.30 1.64 -3.74
C ASP D 13 12.91 0.35 -4.44
N PHE D 14 13.35 0.22 -5.70
CA PHE D 14 13.18 -1.02 -6.44
C PHE D 14 14.43 -1.26 -7.27
N VAL D 15 15.12 -2.37 -7.01
CA VAL D 15 16.32 -2.73 -7.75
C VAL D 15 15.96 -3.59 -8.95
N ALA D 16 16.38 -3.16 -10.13
CA ALA D 16 16.07 -3.87 -11.36
C ALA D 16 16.50 -5.33 -11.28
N SER D 17 15.68 -6.22 -11.83
CA SER D 17 15.98 -7.64 -11.83
C SER D 17 16.19 -8.10 -13.27
N GLY D 18 16.73 -7.23 -14.11
CA GLY D 18 16.90 -7.56 -15.51
C GLY D 18 15.56 -7.63 -16.20
N ASP D 19 15.55 -8.19 -17.41
CA ASP D 19 14.31 -8.35 -18.17
C ASP D 19 13.62 -7.00 -18.33
N ASN D 20 14.40 -6.01 -18.77
CA ASN D 20 13.89 -4.71 -19.15
C ASN D 20 13.25 -3.92 -17.99
N THR D 21 13.63 -4.28 -16.76
CA THR D 21 13.16 -3.56 -15.57
C THR D 21 14.06 -2.36 -15.29
N LEU D 22 13.56 -1.41 -14.50
CA LEU D 22 14.29 -0.17 -14.23
C LEU D 22 14.41 0.09 -12.74
N SER D 23 15.63 0.33 -12.26
CA SER D 23 15.84 0.67 -10.87
C SER D 23 15.30 2.08 -10.58
N ILE D 24 14.58 2.20 -9.48
CA ILE D 24 14.05 3.49 -9.06
C ILE D 24 14.25 3.69 -7.56
N THR D 25 14.28 4.95 -7.14
CA THR D 25 14.54 5.29 -5.74
C THR D 25 13.34 6.00 -5.15
N LYS D 26 13.01 5.66 -3.92
CA LYS D 26 11.92 6.32 -3.19
C LYS D 26 11.99 7.84 -3.35
N GLY D 27 10.86 8.42 -3.74
CA GLY D 27 10.76 9.87 -3.91
C GLY D 27 11.06 10.33 -5.33
N GLU D 28 11.59 9.43 -6.15
CA GLU D 28 11.96 9.75 -7.53
C GLU D 28 10.73 9.96 -8.41
N LYS D 29 10.82 10.90 -9.33
CA LYS D 29 9.71 11.20 -10.23
C LYS D 29 9.77 10.33 -11.47
N LEU D 30 8.60 9.92 -11.96
CA LEU D 30 8.53 9.12 -13.19
C LEU D 30 7.43 9.66 -14.08
N ARG D 31 7.59 9.46 -15.38
CA ARG D 31 6.46 9.62 -16.30
C ARG D 31 6.11 8.23 -16.79
N VAL D 32 4.84 7.84 -16.62
CA VAL D 32 4.39 6.50 -16.91
C VAL D 32 3.88 6.37 -18.34
N LEU D 33 4.39 5.38 -19.06
CA LEU D 33 3.95 5.14 -20.43
C LEU D 33 2.71 4.25 -20.42
N GLY D 34 2.66 3.31 -19.48
CA GLY D 34 1.52 2.41 -19.39
C GLY D 34 1.72 1.25 -18.45
N TYR D 35 0.84 0.25 -18.56
CA TYR D 35 0.88 -0.92 -17.70
C TYR D 35 0.81 -2.18 -18.58
N ASN D 36 1.25 -3.31 -18.02
CA ASN D 36 1.17 -4.57 -18.73
C ASN D 36 -0.23 -5.16 -18.65
N HIS D 37 -0.39 -6.38 -19.15
CA HIS D 37 -1.71 -6.96 -19.36
C HIS D 37 -2.50 -7.18 -18.06
N ASN D 38 -1.81 -7.46 -16.96
CA ASN D 38 -2.50 -7.70 -15.70
C ASN D 38 -2.32 -6.56 -14.69
N GLY D 39 -1.66 -5.50 -15.12
CA GLY D 39 -1.52 -4.30 -14.30
C GLY D 39 -0.45 -4.39 -13.22
N GLU D 40 0.24 -5.52 -13.15
CA GLU D 40 1.24 -5.73 -12.11
C GLU D 40 2.53 -4.96 -12.39
N TRP D 41 2.83 -4.74 -13.66
CA TRP D 41 4.05 -4.04 -14.04
C TRP D 41 3.73 -2.71 -14.72
N CYS D 42 4.63 -1.75 -14.53
CA CYS D 42 4.46 -0.41 -15.09
CA CYS D 42 4.47 -0.41 -15.09
C CYS D 42 5.70 -0.02 -15.90
N GLU D 43 5.48 0.38 -17.15
CA GLU D 43 6.59 0.86 -17.96
C GLU D 43 6.72 2.36 -17.78
N ALA D 44 7.87 2.81 -17.28
CA ALA D 44 8.04 4.20 -16.89
C ALA D 44 9.35 4.78 -17.38
N GLN D 45 9.40 6.11 -17.41
CA GLN D 45 10.60 6.83 -17.79
C GLN D 45 11.08 7.71 -16.63
N THR D 46 12.37 7.64 -16.34
CA THR D 46 12.96 8.53 -15.37
C THR D 46 14.20 9.17 -15.99
N LYS D 47 14.91 9.98 -15.22
CA LYS D 47 16.15 10.58 -15.69
C LYS D 47 17.23 9.52 -15.92
N ASN D 48 17.04 8.34 -15.34
CA ASN D 48 18.03 7.27 -15.45
C ASN D 48 17.76 6.29 -16.58
N GLY D 49 16.62 6.44 -17.25
CA GLY D 49 16.30 5.59 -18.38
C GLY D 49 14.83 5.17 -18.45
N GLN D 50 14.59 4.01 -19.03
CA GLN D 50 13.23 3.51 -19.24
C GLN D 50 13.13 2.02 -18.99
N GLY D 51 12.07 1.60 -18.34
CA GLY D 51 11.87 0.19 -18.07
C GLY D 51 10.67 -0.09 -17.19
N TRP D 52 10.51 -1.36 -16.83
CA TRP D 52 9.35 -1.80 -16.07
C TRP D 52 9.62 -1.79 -14.58
N VAL D 53 8.66 -1.28 -13.82
CA VAL D 53 8.73 -1.24 -12.36
C VAL D 53 7.42 -1.78 -11.80
N PRO D 54 7.43 -2.20 -10.52
CA PRO D 54 6.19 -2.69 -9.92
C PRO D 54 5.13 -1.58 -9.85
N SER D 55 3.92 -1.88 -10.30
CA SER D 55 2.86 -0.88 -10.36
C SER D 55 2.55 -0.27 -8.99
N ASN D 56 2.57 -1.09 -7.95
CA ASN D 56 2.24 -0.59 -6.62
C ASN D 56 3.47 -0.11 -5.84
N TYR D 57 4.58 0.10 -6.54
CA TYR D 57 5.74 0.76 -5.96
C TYR D 57 5.76 2.23 -6.31
N ILE D 58 4.76 2.69 -7.06
CA ILE D 58 4.66 4.08 -7.45
C ILE D 58 3.20 4.53 -7.32
N THR D 59 2.99 5.84 -7.36
CA THR D 59 1.64 6.37 -7.30
C THR D 59 1.58 7.69 -8.05
N PRO D 60 0.45 7.97 -8.73
CA PRO D 60 0.32 9.21 -9.50
C PRO D 60 0.21 10.45 -8.63
N VAL D 61 0.80 11.55 -9.09
CA VAL D 61 0.62 12.85 -8.44
C VAL D 61 -0.15 13.74 -9.41
N ASN D 62 0.09 13.53 -10.70
CA ASN D 62 -0.66 14.20 -11.76
C ASN D 62 -0.37 13.59 -13.12
N ASP E 4 -17.49 -1.00 10.37
CA ASP E 4 -16.55 -2.06 10.02
C ASP E 4 -15.40 -1.54 9.20
N PRO E 5 -14.17 -1.79 9.65
CA PRO E 5 -13.00 -1.31 8.91
C PRO E 5 -12.71 -2.23 7.73
N ASN E 6 -13.46 -3.32 7.63
CA ASN E 6 -13.31 -4.26 6.53
C ASN E 6 -14.41 -4.14 5.48
N LEU E 7 -15.01 -2.96 5.40
CA LEU E 7 -16.19 -2.77 4.56
C LEU E 7 -15.81 -2.42 3.12
N PHE E 8 -16.38 -3.19 2.19
CA PHE E 8 -16.11 -3.02 0.77
C PHE E 8 -17.41 -2.80 0.01
N VAL E 9 -17.30 -2.37 -1.24
CA VAL E 9 -18.46 -2.28 -2.12
C VAL E 9 -18.19 -2.98 -3.44
N ALA E 10 -19.21 -3.62 -4.00
CA ALA E 10 -19.07 -4.35 -5.25
C ALA E 10 -19.07 -3.40 -6.44
N LEU E 11 -18.08 -3.57 -7.32
CA LEU E 11 -17.96 -2.76 -8.53
C LEU E 11 -18.78 -3.33 -9.69
N TYR E 12 -18.89 -4.66 -9.74
CA TYR E 12 -19.59 -5.33 -10.83
C TYR E 12 -20.36 -6.54 -10.32
N ASP E 13 -21.34 -6.99 -11.10
CA ASP E 13 -22.00 -8.25 -10.83
C ASP E 13 -21.02 -9.41 -10.95
N PHE E 14 -21.18 -10.40 -10.08
CA PHE E 14 -20.41 -11.64 -10.15
C PHE E 14 -21.31 -12.81 -9.80
N VAL E 15 -21.48 -13.72 -10.74
CA VAL E 15 -22.31 -14.90 -10.54
C VAL E 15 -21.47 -16.06 -10.02
N ALA E 16 -21.86 -16.61 -8.87
CA ALA E 16 -21.11 -17.70 -8.26
C ALA E 16 -20.91 -18.85 -9.24
N SER E 17 -19.73 -19.44 -9.22
CA SER E 17 -19.40 -20.56 -10.09
C SER E 17 -19.15 -21.81 -9.27
N GLY E 18 -19.86 -21.94 -8.16
CA GLY E 18 -19.64 -23.06 -7.27
C GLY E 18 -18.30 -22.92 -6.57
N ASP E 19 -17.84 -23.98 -5.94
CA ASP E 19 -16.56 -23.98 -5.25
C ASP E 19 -16.51 -22.85 -4.22
N ASN E 20 -17.57 -22.75 -3.42
CA ASN E 20 -17.62 -21.83 -2.29
C ASN E 20 -17.56 -20.35 -2.68
N THR E 21 -17.93 -20.05 -3.93
CA THR E 21 -17.99 -18.66 -4.38
C THR E 21 -19.35 -18.07 -4.03
N LEU E 22 -19.43 -16.75 -4.01
CA LEU E 22 -20.63 -16.04 -3.59
C LEU E 22 -21.07 -15.04 -4.65
N SER E 23 -22.33 -15.10 -5.05
CA SER E 23 -22.86 -14.13 -6.00
C SER E 23 -23.00 -12.76 -5.35
N ILE E 24 -22.57 -11.72 -6.06
CA ILE E 24 -22.72 -10.36 -5.57
C ILE E 24 -23.18 -9.43 -6.69
N THR E 25 -23.80 -8.32 -6.29
CA THR E 25 -24.37 -7.37 -7.24
C THR E 25 -23.71 -6.00 -7.10
N LYS E 26 -23.48 -5.35 -8.23
CA LYS E 26 -22.94 -3.99 -8.27
C LYS E 26 -23.61 -3.12 -7.21
N GLY E 27 -22.80 -2.45 -6.40
CA GLY E 27 -23.32 -1.54 -5.39
C GLY E 27 -23.53 -2.23 -4.06
N GLU E 28 -23.48 -3.56 -4.07
CA GLU E 28 -23.67 -4.32 -2.86
C GLU E 28 -22.47 -4.19 -1.95
N LYS E 29 -22.74 -4.12 -0.66
CA LYS E 29 -21.74 -3.97 0.36
C LYS E 29 -21.32 -5.32 0.91
N LEU E 30 -20.05 -5.45 1.25
CA LEU E 30 -19.53 -6.69 1.80
C LEU E 30 -18.62 -6.41 3.01
N ARG E 31 -18.47 -7.40 3.88
CA ARG E 31 -17.44 -7.40 4.90
C ARG E 31 -16.38 -8.44 4.49
N VAL E 32 -15.16 -7.99 4.27
CA VAL E 32 -14.10 -8.86 3.77
C VAL E 32 -13.36 -9.54 4.90
N LEU E 33 -13.27 -10.86 4.82
CA LEU E 33 -12.55 -11.63 5.83
C LEU E 33 -11.08 -11.72 5.47
N GLY E 34 -10.79 -11.81 4.19
CA GLY E 34 -9.41 -11.90 3.73
C GLY E 34 -9.29 -12.25 2.26
N TYR E 35 -8.07 -12.65 1.88
CA TYR E 35 -7.75 -13.00 0.52
C TYR E 35 -7.04 -14.34 0.49
N ASN E 36 -7.04 -14.98 -0.68
CA ASN E 36 -6.34 -16.24 -0.84
C ASN E 36 -4.84 -16.01 -1.04
N HIS E 37 -4.11 -17.07 -1.33
CA HIS E 37 -2.65 -17.02 -1.30
C HIS E 37 -2.05 -16.08 -2.35
N ASN E 38 -2.71 -15.91 -3.48
CA ASN E 38 -2.20 -15.04 -4.54
C ASN E 38 -2.98 -13.75 -4.70
N GLY E 39 -3.94 -13.52 -3.82
CA GLY E 39 -4.67 -12.27 -3.78
C GLY E 39 -5.75 -12.11 -4.83
N GLU E 40 -5.93 -13.12 -5.68
CA GLU E 40 -6.91 -13.04 -6.75
C GLU E 40 -8.34 -13.24 -6.25
N TRP E 41 -8.49 -14.00 -5.16
CA TRP E 41 -9.80 -14.28 -4.61
C TRP E 41 -9.96 -13.64 -3.24
N CYS E 42 -11.19 -13.24 -2.92
CA CYS E 42 -11.48 -12.58 -1.66
C CYS E 42 -12.65 -13.28 -0.98
N GLU E 43 -12.48 -13.67 0.28
CA GLU E 43 -13.56 -14.28 1.03
C GLU E 43 -14.34 -13.19 1.74
N ALA E 44 -15.62 -13.08 1.44
CA ALA E 44 -16.43 -11.97 1.92
C ALA E 44 -17.78 -12.43 2.46
N GLN E 45 -18.38 -11.57 3.27
CA GLN E 45 -19.70 -11.82 3.81
C GLN E 45 -20.66 -10.72 3.35
N THR E 46 -21.82 -11.12 2.87
CA THR E 46 -22.88 -10.18 2.53
C THR E 46 -24.17 -10.61 3.20
N LYS E 47 -25.26 -9.89 2.95
CA LYS E 47 -26.55 -10.25 3.51
C LYS E 47 -27.04 -11.59 2.98
N ASN E 48 -26.46 -12.04 1.86
CA ASN E 48 -26.89 -13.28 1.22
C ASN E 48 -26.07 -14.51 1.60
N GLY E 49 -25.00 -14.30 2.39
CA GLY E 49 -24.19 -15.41 2.85
C GLY E 49 -22.70 -15.11 2.84
N GLN E 50 -21.89 -16.14 2.67
CA GLN E 50 -20.45 -16.03 2.72
C GLN E 50 -19.77 -16.87 1.66
N GLY E 51 -18.74 -16.33 1.02
CA GLY E 51 -18.02 -17.05 0.00
C GLY E 51 -16.96 -16.22 -0.69
N TRP E 52 -16.35 -16.81 -1.71
CA TRP E 52 -15.24 -16.18 -2.42
C TRP E 52 -15.73 -15.38 -3.62
N VAL E 53 -15.17 -14.18 -3.77
CA VAL E 53 -15.48 -13.31 -4.90
C VAL E 53 -14.17 -12.78 -5.50
N PRO E 54 -14.21 -12.33 -6.76
CA PRO E 54 -12.99 -11.78 -7.36
C PRO E 54 -12.52 -10.52 -6.63
N SER E 55 -11.23 -10.47 -6.30
CA SER E 55 -10.68 -9.36 -5.54
C SER E 55 -10.87 -8.02 -6.23
N ASN E 56 -10.73 -7.99 -7.56
CA ASN E 56 -10.85 -6.74 -8.29
C ASN E 56 -12.26 -6.46 -8.79
N TYR E 57 -13.24 -7.19 -8.26
CA TYR E 57 -14.64 -6.90 -8.50
C TYR E 57 -15.22 -6.09 -7.35
N ILE E 58 -14.39 -5.79 -6.36
CA ILE E 58 -14.81 -5.03 -5.19
C ILE E 58 -13.76 -4.00 -4.80
N THR E 59 -14.13 -3.08 -3.92
CA THR E 59 -13.20 -2.04 -3.47
C THR E 59 -13.51 -1.64 -2.03
N PRO E 60 -12.46 -1.35 -1.24
CA PRO E 60 -12.67 -0.95 0.15
C PRO E 60 -13.26 0.46 0.26
N VAL E 61 -14.18 0.66 1.21
CA VAL E 61 -14.71 2.00 1.47
C VAL E 61 -14.43 2.48 2.90
N ASN E 62 -13.81 1.64 3.73
CA ASN E 62 -13.45 2.04 5.08
C ASN E 62 -12.11 1.48 5.52
N ASN F 6 2.60 -20.35 -0.95
CA ASN F 6 3.73 -21.26 -1.10
C ASN F 6 4.49 -21.39 0.22
N LEU F 7 5.82 -21.48 0.15
CA LEU F 7 6.64 -21.78 1.31
C LEU F 7 7.43 -20.55 1.72
N PHE F 8 7.32 -20.21 2.99
CA PHE F 8 7.94 -19.03 3.57
C PHE F 8 8.81 -19.40 4.77
N VAL F 9 9.60 -18.44 5.23
CA VAL F 9 10.37 -18.58 6.46
C VAL F 9 10.10 -17.37 7.36
N ALA F 10 10.07 -17.61 8.66
CA ALA F 10 9.84 -16.55 9.63
C ALA F 10 11.08 -15.67 9.77
N LEU F 11 10.88 -14.36 9.71
CA LEU F 11 11.96 -13.40 9.82
C LEU F 11 12.29 -13.10 11.28
N TYR F 12 11.28 -13.12 12.14
CA TYR F 12 11.48 -12.82 13.55
C TYR F 12 10.61 -13.72 14.41
N ASP F 13 11.02 -13.87 15.67
CA ASP F 13 10.15 -14.51 16.65
C ASP F 13 8.94 -13.63 16.83
N PHE F 14 7.78 -14.26 17.00
CA PHE F 14 6.55 -13.53 17.30
C PHE F 14 5.75 -14.34 18.29
N VAL F 15 5.51 -13.77 19.47
CA VAL F 15 4.75 -14.45 20.50
C VAL F 15 3.27 -14.12 20.35
N ALA F 16 2.46 -15.15 20.20
CA ALA F 16 1.03 -14.97 19.97
C ALA F 16 0.39 -14.11 21.05
N SER F 17 -0.51 -13.23 20.61
CA SER F 17 -1.26 -12.33 21.47
C SER F 17 -2.76 -12.66 21.49
N GLY F 18 -3.07 -13.96 21.43
CA GLY F 18 -4.44 -14.44 21.43
C GLY F 18 -5.21 -14.17 20.15
N ASP F 19 -6.52 -14.39 20.21
CA ASP F 19 -7.41 -14.07 19.11
C ASP F 19 -6.95 -14.66 17.77
N ASN F 20 -6.76 -15.97 17.75
CA ASN F 20 -6.43 -16.72 16.52
C ASN F 20 -5.05 -16.46 15.95
N THR F 21 -4.15 -15.91 16.76
CA THR F 21 -2.79 -15.68 16.30
C THR F 21 -1.92 -16.91 16.56
N LEU F 22 -0.79 -16.97 15.87
CA LEU F 22 0.09 -18.13 15.93
C LEU F 22 1.51 -17.69 16.27
N SER F 23 2.09 -18.28 17.32
CA SER F 23 3.46 -17.98 17.67
C SER F 23 4.38 -18.60 16.63
N ILE F 24 5.40 -17.85 16.21
CA ILE F 24 6.37 -18.37 15.25
C ILE F 24 7.79 -18.03 15.66
N THR F 25 8.73 -18.84 15.17
CA THR F 25 10.13 -18.69 15.51
C THR F 25 10.95 -18.36 14.28
N LYS F 26 11.86 -17.41 14.43
CA LYS F 26 12.78 -17.05 13.37
C LYS F 26 13.40 -18.27 12.70
N GLY F 27 13.29 -18.35 11.38
CA GLY F 27 13.89 -19.42 10.61
C GLY F 27 12.99 -20.63 10.40
N GLU F 28 11.91 -20.71 11.15
CA GLU F 28 10.99 -21.86 11.03
C GLU F 28 10.19 -21.75 9.73
N LYS F 29 9.85 -22.90 9.18
CA LYS F 29 9.17 -22.97 7.89
C LYS F 29 7.65 -22.81 8.01
N LEU F 30 7.06 -22.07 7.06
CA LEU F 30 5.62 -21.91 7.04
C LEU F 30 5.06 -21.97 5.62
N ARG F 31 3.81 -22.41 5.50
CA ARG F 31 3.05 -22.27 4.26
C ARG F 31 1.89 -21.28 4.44
N VAL F 32 1.80 -20.30 3.54
CA VAL F 32 0.82 -19.22 3.65
C VAL F 32 -0.49 -19.54 2.95
N LEU F 33 -1.59 -19.43 3.68
CA LEU F 33 -2.92 -19.67 3.12
C LEU F 33 -3.57 -18.41 2.53
N GLY F 34 -3.31 -17.27 3.16
CA GLY F 34 -3.91 -16.02 2.69
C GLY F 34 -3.67 -14.84 3.61
N TYR F 35 -4.41 -13.76 3.39
CA TYR F 35 -4.21 -12.51 4.12
C TYR F 35 -5.52 -11.90 4.61
N ASN F 36 -5.43 -11.00 5.57
CA ASN F 36 -6.62 -10.28 6.03
C ASN F 36 -6.97 -9.15 5.07
N HIS F 37 -7.98 -8.35 5.41
CA HIS F 37 -8.56 -7.40 4.46
C HIS F 37 -7.59 -6.31 4.01
N ASN F 38 -6.66 -5.92 4.89
CA ASN F 38 -5.71 -4.86 4.58
C ASN F 38 -4.28 -5.37 4.36
N GLY F 39 -4.10 -6.69 4.39
CA GLY F 39 -2.82 -7.29 4.08
C GLY F 39 -1.80 -7.25 5.21
N GLU F 40 -2.20 -6.70 6.35
CA GLU F 40 -1.28 -6.56 7.49
C GLU F 40 -1.07 -7.90 8.20
N TRP F 41 -2.07 -8.77 8.14
CA TRP F 41 -2.01 -10.06 8.80
C TRP F 41 -1.99 -11.20 7.78
N CYS F 42 -1.32 -12.29 8.13
CA CYS F 42 -1.17 -13.43 7.24
C CYS F 42 -1.57 -14.71 7.96
N GLU F 43 -2.44 -15.50 7.32
CA GLU F 43 -2.84 -16.79 7.87
C GLU F 43 -1.86 -17.84 7.37
N ALA F 44 -1.19 -18.51 8.29
CA ALA F 44 -0.09 -19.40 7.94
C ALA F 44 -0.18 -20.72 8.68
N GLN F 45 0.51 -21.72 8.14
CA GLN F 45 0.59 -23.03 8.76
C GLN F 45 2.03 -23.37 9.11
N THR F 46 2.24 -23.83 10.33
CA THR F 46 3.54 -24.34 10.77
C THR F 46 3.34 -25.70 11.42
N LYS F 47 4.43 -26.27 11.94
CA LYS F 47 4.34 -27.55 12.64
C LYS F 47 3.49 -27.44 13.90
N ASN F 48 3.30 -26.22 14.39
CA ASN F 48 2.57 -26.00 15.64
C ASN F 48 1.10 -25.70 15.45
N GLY F 49 0.65 -25.58 14.21
CA GLY F 49 -0.76 -25.35 13.94
C GLY F 49 -0.99 -24.33 12.84
N GLN F 50 -2.11 -23.63 12.95
CA GLN F 50 -2.51 -22.65 11.94
C GLN F 50 -3.08 -21.42 12.62
N GLY F 51 -2.72 -20.25 12.11
CA GLY F 51 -3.17 -19.01 12.70
C GLY F 51 -2.56 -17.79 12.03
N TRP F 52 -2.84 -16.62 12.60
CA TRP F 52 -2.44 -15.37 12.00
C TRP F 52 -1.10 -14.84 12.54
N VAL F 53 -0.25 -14.38 11.62
CA VAL F 53 1.03 -13.79 11.94
C VAL F 53 1.19 -12.49 11.16
N PRO F 54 2.07 -11.59 11.61
CA PRO F 54 2.28 -10.37 10.84
C PRO F 54 2.83 -10.68 9.46
N SER F 55 2.25 -10.09 8.43
CA SER F 55 2.62 -10.38 7.05
C SER F 55 4.10 -10.11 6.78
N ASN F 56 4.63 -9.05 7.38
CA ASN F 56 6.02 -8.67 7.15
C ASN F 56 6.99 -9.31 8.15
N TYR F 57 6.51 -10.33 8.85
CA TYR F 57 7.37 -11.16 9.70
C TYR F 57 7.82 -12.43 8.99
N ILE F 58 7.46 -12.57 7.71
CA ILE F 58 7.84 -13.74 6.94
C ILE F 58 8.34 -13.35 5.54
N THR F 59 8.98 -14.31 4.88
CA THR F 59 9.53 -14.09 3.54
C THR F 59 9.57 -15.39 2.73
N PRO F 60 9.44 -15.28 1.40
CA PRO F 60 9.44 -16.45 0.52
C PRO F 60 10.77 -17.20 0.51
N VAL F 61 10.69 -18.51 0.26
CA VAL F 61 11.87 -19.35 0.13
C VAL F 61 12.08 -19.79 -1.31
C ACE G 1 -18.81 24.45 -12.13
O ACE G 1 -18.04 24.96 -11.32
CH3 ACE G 1 -19.88 25.22 -12.85
N ALA G 2 -18.37 23.40 -12.81
CA ALA G 2 -17.24 22.56 -12.40
C ALA G 2 -15.92 23.27 -12.65
N PRO G 3 -14.86 22.87 -11.95
CA PRO G 3 -13.53 23.44 -12.16
C PRO G 3 -13.06 23.25 -13.60
N THR G 4 -12.26 24.17 -14.09
CA THR G 4 -11.77 24.11 -15.47
C THR G 4 -10.46 23.33 -15.54
N TYR G 5 -9.90 23.00 -14.38
CA TYR G 5 -8.71 22.16 -14.32
C TYR G 5 -9.12 20.74 -13.93
N PRO G 6 -8.31 19.76 -14.30
CA PRO G 6 -8.62 18.36 -14.00
C PRO G 6 -8.51 18.03 -12.51
N PRO G 7 -9.29 17.06 -12.04
CA PRO G 7 -9.21 16.59 -10.65
C PRO G 7 -7.93 15.80 -10.42
N PRO G 8 -7.53 15.61 -9.17
CA PRO G 8 -6.37 14.77 -8.88
C PRO G 8 -6.64 13.33 -9.31
N PRO G 9 -5.63 12.62 -9.80
CA PRO G 9 -5.88 11.22 -10.12
C PRO G 9 -6.10 10.40 -8.87
N PRO G 10 -6.79 9.25 -8.98
CA PRO G 10 -6.90 8.29 -7.89
C PRO G 10 -5.54 7.64 -7.63
N PRO G 11 -5.30 7.13 -6.40
CA PRO G 11 -6.14 7.15 -5.20
C PRO G 11 -5.99 8.45 -4.43
C ACE H 1 -0.93 15.29 19.51
O ACE H 1 -2.04 15.49 19.05
CH3 ACE H 1 -0.36 16.14 20.61
N ALA H 2 -0.20 14.21 19.23
CA ALA H 2 -0.64 13.41 18.10
C ALA H 2 -1.90 12.63 18.45
N PRO H 3 -2.66 12.24 17.42
CA PRO H 3 -3.87 11.42 17.65
C PRO H 3 -3.54 10.10 18.33
N THR H 4 -4.45 9.59 19.15
CA THR H 4 -4.24 8.35 19.87
C THR H 4 -4.75 7.13 19.10
N TYR H 5 -5.43 7.39 18.00
CA TYR H 5 -5.87 6.32 17.10
C TYR H 5 -4.95 6.26 15.90
N PRO H 6 -4.86 5.09 15.24
CA PRO H 6 -3.99 4.98 14.06
C PRO H 6 -4.55 5.76 12.89
N PRO H 7 -3.66 6.26 12.00
CA PRO H 7 -4.11 6.97 10.81
C PRO H 7 -4.72 6.01 9.79
N PRO H 8 -5.48 6.54 8.83
CA PRO H 8 -5.97 5.67 7.76
C PRO H 8 -4.80 5.14 6.94
N PRO H 9 -4.91 3.90 6.44
CA PRO H 9 -3.86 3.33 5.58
C PRO H 9 -3.79 4.10 4.27
N PRO H 10 -2.68 3.98 3.53
CA PRO H 10 -2.73 4.69 2.25
C PRO H 10 -3.84 4.11 1.37
N PRO H 11 -4.42 4.93 0.50
CA PRO H 11 -5.56 4.50 -0.32
C PRO H 11 -5.11 3.75 -1.57
C ACE I 1 -9.53 -13.75 12.35
O ACE I 1 -9.09 -13.83 13.50
CH3 ACE I 1 -10.72 -14.52 11.88
N ALA I 2 -9.05 -12.89 11.45
CA ALA I 2 -7.81 -12.17 11.67
C ALA I 2 -7.98 -11.12 12.76
N PRO I 3 -6.88 -10.73 13.41
CA PRO I 3 -6.97 -9.66 14.42
C PRO I 3 -7.48 -8.34 13.84
N THR I 4 -8.22 -7.60 14.66
CA THR I 4 -8.74 -6.30 14.26
C THR I 4 -7.82 -5.15 14.66
N TYR I 5 -6.77 -5.47 15.41
CA TYR I 5 -5.76 -4.48 15.75
C TYR I 5 -4.54 -4.70 14.88
N PRO I 6 -3.71 -3.66 14.68
CA PRO I 6 -2.54 -3.80 13.82
C PRO I 6 -1.49 -4.72 14.43
N PRO I 7 -0.71 -5.41 13.59
CA PRO I 7 0.37 -6.24 14.10
C PRO I 7 1.52 -5.37 14.60
N PRO I 8 2.40 -5.94 15.42
CA PRO I 8 3.60 -5.19 15.84
C PRO I 8 4.49 -4.91 14.64
N PRO I 9 5.18 -3.76 14.64
CA PRO I 9 6.12 -3.44 13.57
C PRO I 9 7.29 -4.40 13.60
N PRO I 10 8.03 -4.52 12.50
CA PRO I 10 9.19 -5.41 12.63
C PRO I 10 10.15 -4.86 13.67
N PRO I 11 10.88 -5.74 14.36
CA PRO I 11 11.76 -5.30 15.45
C PRO I 11 13.11 -4.81 14.95
C ACE J 1 -11.08 -22.09 -0.53
O ACE J 1 -11.97 -22.51 -1.26
CH3 ACE J 1 -10.72 -22.75 0.77
N ALA J 2 -10.36 -21.19 -1.18
CA ALA J 2 -10.69 -20.47 -2.42
C ALA J 2 -10.56 -21.41 -3.61
N PRO J 3 -11.23 -21.06 -4.72
CA PRO J 3 -11.13 -21.84 -5.96
C PRO J 3 -9.69 -21.95 -6.44
N THR J 4 -9.38 -23.05 -7.12
CA THR J 4 -8.03 -23.30 -7.59
C THR J 4 -7.82 -22.74 -9.00
N TYR J 5 -8.91 -22.28 -9.61
CA TYR J 5 -8.83 -21.60 -10.90
C TYR J 5 -8.95 -20.11 -10.68
N PRO J 6 -8.45 -19.31 -11.63
CA PRO J 6 -8.49 -17.85 -11.50
C PRO J 6 -9.90 -17.31 -11.65
N PRO J 7 -10.18 -16.16 -11.01
CA PRO J 7 -11.49 -15.52 -11.14
C PRO J 7 -11.64 -14.91 -12.53
N PRO J 8 -12.88 -14.60 -12.93
CA PRO J 8 -13.06 -13.92 -14.22
C PRO J 8 -12.39 -12.55 -14.18
N PRO J 9 -11.81 -12.10 -15.30
CA PRO J 9 -11.23 -10.75 -15.30
C PRO J 9 -12.31 -9.68 -15.17
N PRO J 10 -11.94 -8.48 -14.71
CA PRO J 10 -12.89 -7.37 -14.70
C PRO J 10 -13.27 -6.95 -16.13
N PRO J 11 -14.44 -6.33 -16.30
CA PRO J 11 -14.88 -6.02 -17.66
C PRO J 11 -14.14 -4.79 -18.22
C ACE K 1 7.91 -6.27 -21.62
O ACE K 1 8.89 -6.83 -21.16
CH3 ACE K 1 7.47 -6.41 -23.04
N ALA K 2 6.95 -6.51 -20.73
CA ALA K 2 7.09 -6.63 -19.29
C ALA K 2 7.53 -8.03 -18.89
N PRO K 3 8.12 -8.17 -17.69
CA PRO K 3 8.54 -9.47 -17.18
C PRO K 3 7.35 -10.44 -17.07
N THR K 4 7.61 -11.73 -17.24
CA THR K 4 6.57 -12.74 -17.19
C THR K 4 6.38 -13.28 -15.78
N TYR K 5 7.26 -12.88 -14.87
CA TYR K 5 7.12 -13.23 -13.47
C TYR K 5 6.56 -12.04 -12.71
N PRO K 6 5.93 -12.30 -11.56
CA PRO K 6 5.32 -11.22 -10.77
C PRO K 6 6.39 -10.34 -10.12
N PRO K 7 6.06 -9.06 -9.91
CA PRO K 7 6.98 -8.17 -9.21
C PRO K 7 7.04 -8.52 -7.74
N PRO K 8 8.08 -8.06 -7.02
CA PRO K 8 8.10 -8.27 -5.58
C PRO K 8 6.93 -7.56 -4.92
N PRO K 9 6.34 -8.14 -3.86
CA PRO K 9 5.25 -7.40 -3.23
C PRO K 9 5.77 -6.13 -2.56
N PRO K 10 4.90 -5.14 -2.37
CA PRO K 10 5.26 -3.92 -1.64
C PRO K 10 5.53 -4.20 -0.15
N PRO K 11 6.34 -3.34 0.48
CA PRO K 11 6.48 -3.29 1.95
C PRO K 11 5.28 -2.63 2.61
C ACE L 1 32.96 3.07 4.60
O ACE L 1 32.46 3.32 3.50
CH3 ACE L 1 34.43 2.83 4.79
N ALA L 2 32.32 2.98 5.76
CA ALA L 2 30.87 3.14 5.71
C ALA L 2 30.50 4.58 5.36
N PRO L 3 29.29 4.78 4.83
CA PRO L 3 28.83 6.14 4.54
C PRO L 3 28.81 7.00 5.80
N THR L 4 29.08 8.29 5.66
CA THR L 4 29.12 9.20 6.81
C THR L 4 27.75 9.82 7.06
N TYR L 5 26.81 9.58 6.15
CA TYR L 5 25.44 10.03 6.32
C TYR L 5 24.59 8.85 6.77
N PRO L 6 23.46 9.13 7.43
CA PRO L 6 22.59 8.04 7.89
C PRO L 6 21.90 7.36 6.72
N PRO L 7 21.58 6.06 6.86
CA PRO L 7 20.85 5.35 5.81
C PRO L 7 19.40 5.80 5.74
N PRO L 8 18.73 5.52 4.62
CA PRO L 8 17.29 5.82 4.57
C PRO L 8 16.55 4.96 5.59
N PRO L 9 15.48 5.49 6.18
CA PRO L 9 14.72 4.68 7.13
C PRO L 9 14.05 3.50 6.43
N PRO L 10 13.69 2.45 7.19
CA PRO L 10 12.94 1.39 6.51
C PRO L 10 11.60 1.92 6.01
N PRO L 11 11.06 1.33 4.94
CA PRO L 11 9.77 1.80 4.41
C PRO L 11 8.59 1.21 5.19
S SO4 M . -26.35 -4.14 0.34
O1 SO4 M . -25.13 -3.36 0.55
O2 SO4 M . -26.43 -4.55 -1.06
O3 SO4 M . -26.33 -5.32 1.20
O4 SO4 M . -27.51 -3.31 0.67
#